data_4WNS
#
_entry.id   4WNS
#
_cell.length_a   42.702
_cell.length_b   85.583
_cell.length_c   64.153
_cell.angle_alpha   90.00
_cell.angle_beta   90.00
_cell.angle_gamma   90.00
#
_symmetry.space_group_name_H-M   'P 21 21 2'
#
loop_
_entity.id
_entity.type
_entity.pdbx_description
1 polymer Transthyretin
2 non-polymer 'SULFATE ION'
3 non-polymer 'DIMETHYL SULFOXIDE'
4 non-polymer Pterostilbene
5 water water
#
_entity_poly.entity_id   1
_entity_poly.type   'polypeptide(L)'
_entity_poly.pdbx_seq_one_letter_code
;GPTGTGESKCPLMVKVLDAVRGSPAINVAVHVFRKAADDTWEPFASGKTSESGELHGLTTEEEFVEGIYKVEIDTKSYWK
ALGISPFHEHAEVVFTANDSGPRRYTIAALLSPYSYSTTAVVTNPKE
;
_entity_poly.pdbx_strand_id   A,B
#
loop_
_chem_comp.id
_chem_comp.type
_chem_comp.name
_chem_comp.formula
3RL non-polymer Pterostilbene 'C16 H16 O3'
DMS non-polymer 'DIMETHYL SULFOXIDE' 'C2 H6 O S'
SO4 non-polymer 'SULFATE ION' 'O4 S -2'
#
# COMPACT_ATOMS: atom_id res chain seq x y z
N CYS A 10 -9.49 10.72 19.02
N CYS A 10 -9.25 10.68 18.96
CA CYS A 10 -9.83 10.26 17.68
CA CYS A 10 -9.59 10.19 17.63
C CYS A 10 -9.54 8.76 17.57
C CYS A 10 -9.48 8.66 17.61
N PRO A 11 -10.44 8.00 16.94
CA PRO A 11 -10.26 6.55 16.75
C PRO A 11 -9.36 6.19 15.56
N LEU A 12 -8.88 7.18 14.83
CA LEU A 12 -8.02 6.93 13.67
C LEU A 12 -6.91 7.96 13.63
N MET A 13 -5.66 7.50 13.71
CA MET A 13 -4.50 8.39 13.71
C MET A 13 -3.50 7.86 12.69
N VAL A 14 -2.76 8.76 12.03
CA VAL A 14 -1.79 8.39 11.03
C VAL A 14 -0.46 9.02 11.42
N LYS A 15 0.59 8.22 11.41
CA LYS A 15 1.93 8.68 11.79
C LYS A 15 2.90 8.28 10.69
N VAL A 16 3.73 9.22 10.23
CA VAL A 16 4.60 8.98 9.09
C VAL A 16 6.02 9.43 9.42
N LEU A 17 6.97 8.55 9.15
CA LEU A 17 8.41 8.78 9.37
C LEU A 17 9.16 8.75 8.05
N ASP A 18 10.27 9.48 7.99
CA ASP A 18 11.15 9.56 6.83
C ASP A 18 12.44 8.81 7.18
N ALA A 19 12.70 7.74 6.42
CA ALA A 19 13.79 6.83 6.71
C ALA A 19 15.10 7.31 6.13
N VAL A 20 15.07 8.36 5.31
CA VAL A 20 16.28 8.97 4.78
C VAL A 20 16.84 9.98 5.77
N ARG A 21 15.98 10.87 6.28
CA ARG A 21 16.38 11.92 7.21
C ARG A 21 16.39 11.45 8.66
N GLY A 22 15.71 10.35 8.97
CA GLY A 22 15.51 9.99 10.37
C GLY A 22 14.73 11.02 11.14
N SER A 23 13.56 11.36 10.60
CA SER A 23 12.73 12.41 11.15
C SER A 23 11.28 12.07 10.94
N PRO A 24 10.40 12.75 11.67
CA PRO A 24 9.00 12.71 11.23
CA PRO A 24 9.00 12.71 11.22
C PRO A 24 8.89 13.19 9.78
N ALA A 25 7.92 12.66 9.06
CA ALA A 25 7.62 13.15 7.71
C ALA A 25 6.52 14.22 7.86
N ILE A 26 6.91 15.47 7.69
CA ILE A 26 6.07 16.63 7.95
C ILE A 26 5.35 17.06 6.70
N ASN A 27 4.10 17.51 6.87
CA ASN A 27 3.32 18.08 5.77
C ASN A 27 3.04 17.06 4.68
N VAL A 28 2.81 15.83 5.10
CA VAL A 28 2.37 14.78 4.21
C VAL A 28 0.85 14.80 4.12
N ALA A 29 0.32 14.92 2.90
CA ALA A 29 -1.12 14.86 2.68
C ALA A 29 -1.62 13.43 2.80
N VAL A 30 -2.75 13.29 3.48
CA VAL A 30 -3.39 11.99 3.71
C VAL A 30 -4.87 12.11 3.34
N HIS A 31 -5.35 11.16 2.54
CA HIS A 31 -6.77 11.11 2.15
C HIS A 31 -7.33 9.78 2.55
N VAL A 32 -8.45 9.79 3.26
CA VAL A 32 -9.11 8.58 3.70
C VAL A 32 -10.42 8.46 2.90
N PHE A 33 -10.66 7.25 2.41
CA PHE A 33 -11.88 6.91 1.68
C PHE A 33 -12.57 5.75 2.36
N ARG A 34 -13.86 5.60 2.09
CA ARG A 34 -14.67 4.54 2.68
C ARG A 34 -15.51 3.96 1.55
N LYS A 35 -15.59 2.64 1.45
CA LYS A 35 -16.37 2.02 0.39
C LYS A 35 -17.86 2.20 0.66
N ALA A 36 -18.60 2.60 -0.36
CA ALA A 36 -20.05 2.76 -0.29
C ALA A 36 -20.73 1.45 -0.65
N ALA A 37 -22.05 1.41 -0.48
CA ALA A 37 -22.81 0.19 -0.70
C ALA A 37 -22.64 -0.33 -2.12
N ASP A 38 -22.41 0.58 -3.06
CA ASP A 38 -22.22 0.24 -4.46
C ASP A 38 -20.77 -0.08 -4.81
N ASP A 39 -19.95 -0.21 -3.78
CA ASP A 39 -18.56 -0.63 -3.93
C ASP A 39 -17.64 0.40 -4.58
N THR A 40 -18.04 1.67 -4.57
CA THR A 40 -17.15 2.76 -4.99
C THR A 40 -16.50 3.38 -3.76
N TRP A 41 -15.34 4.00 -3.93
CA TRP A 41 -14.69 4.69 -2.85
C TRP A 41 -15.23 6.09 -2.76
N GLU A 42 -15.69 6.45 -1.57
CA GLU A 42 -16.17 7.80 -1.29
C GLU A 42 -15.24 8.53 -0.35
N PRO A 43 -15.04 9.84 -0.54
CA PRO A 43 -14.18 10.56 0.38
C PRO A 43 -14.72 10.50 1.79
N PHE A 44 -13.84 10.30 2.76
CA PHE A 44 -14.23 10.23 4.17
C PHE A 44 -13.59 11.31 5.04
N ALA A 45 -12.28 11.50 4.92
CA ALA A 45 -11.58 12.53 5.69
C ALA A 45 -10.24 12.81 5.02
N SER A 46 -9.64 13.97 5.30
CA SER A 46 -8.29 14.22 4.84
C SER A 46 -7.58 15.20 5.76
N GLY A 47 -6.26 15.27 5.65
CA GLY A 47 -5.49 16.23 6.40
C GLY A 47 -4.01 16.13 6.05
N LYS A 48 -3.18 16.82 6.82
CA LYS A 48 -1.73 16.81 6.63
C LYS A 48 -1.03 16.52 7.93
N THR A 49 0.08 15.80 7.85
CA THR A 49 0.87 15.51 9.06
C THR A 49 1.52 16.80 9.62
N SER A 50 1.62 16.82 10.94
CA SER A 50 2.21 17.92 11.67
C SER A 50 3.73 17.82 11.70
N GLU A 51 4.33 18.72 12.45
CA GLU A 51 5.78 18.70 12.67
C GLU A 51 6.24 17.43 13.39
N SER A 52 5.33 16.76 14.11
CA SER A 52 5.62 15.48 14.74
C SER A 52 5.41 14.28 13.81
N GLY A 53 4.98 14.51 12.57
CA GLY A 53 4.69 13.43 11.64
C GLY A 53 3.34 12.79 11.87
N GLU A 54 2.51 13.40 12.70
CA GLU A 54 1.23 12.85 13.09
C GLU A 54 0.04 13.61 12.55
N LEU A 55 -1.04 12.88 12.31
CA LEU A 55 -2.29 13.48 11.86
C LEU A 55 -3.40 12.96 12.74
N HIS A 56 -3.92 13.88 13.54
CA HIS A 56 -4.97 13.61 14.51
C HIS A 56 -6.24 14.28 14.02
N GLY A 57 -7.37 13.84 14.55
CA GLY A 57 -8.62 14.55 14.36
C GLY A 57 -9.29 14.30 13.03
N LEU A 58 -8.93 13.22 12.36
CA LEU A 58 -9.53 12.91 11.06
C LEU A 58 -11.02 12.59 11.18
N THR A 59 -11.40 11.97 12.29
CA THR A 59 -12.78 11.54 12.45
C THR A 59 -13.17 11.44 13.92
N THR A 60 -14.41 11.02 14.15
CA THR A 60 -14.96 10.89 15.49
C THR A 60 -15.43 9.46 15.65
N GLU A 61 -15.62 9.02 16.88
CA GLU A 61 -16.19 7.71 17.11
C GLU A 61 -17.55 7.59 16.43
N GLU A 62 -18.34 8.65 16.43
CA GLU A 62 -19.67 8.61 15.82
C GLU A 62 -19.59 8.36 14.30
N GLU A 63 -18.68 9.05 13.62
CA GLU A 63 -18.64 9.02 12.18
C GLU A 63 -17.89 7.80 11.64
N PHE A 64 -16.95 7.27 12.43
CA PHE A 64 -16.10 6.15 12.04
C PHE A 64 -16.81 4.81 12.27
N VAL A 65 -17.83 4.56 11.46
CA VAL A 65 -18.66 3.37 11.56
C VAL A 65 -17.92 2.20 10.91
N GLU A 66 -18.51 1.01 11.02
CA GLU A 66 -18.01 -0.18 10.34
CA GLU A 66 -17.97 -0.16 10.37
C GLU A 66 -17.89 0.12 8.89
N GLY A 67 -16.86 -0.40 8.25
CA GLY A 67 -16.73 -0.24 6.82
C GLY A 67 -15.38 -0.68 6.34
N ILE A 68 -15.18 -0.57 5.05
CA ILE A 68 -13.86 -0.80 4.45
C ILE A 68 -13.29 0.57 4.11
N TYR A 69 -12.10 0.84 4.61
CA TYR A 69 -11.46 2.13 4.53
C TYR A 69 -10.16 2.03 3.76
N LYS A 70 -9.79 3.09 3.08
CA LYS A 70 -8.50 3.21 2.42
C LYS A 70 -7.85 4.51 2.87
N VAL A 71 -6.67 4.39 3.49
CA VAL A 71 -5.86 5.53 3.89
C VAL A 71 -4.77 5.68 2.83
N GLU A 72 -4.82 6.74 2.05
N GLU A 72 -4.78 6.82 2.13
CA GLU A 72 -3.79 7.02 1.07
CA GLU A 72 -3.87 7.13 1.02
C GLU A 72 -2.91 8.10 1.65
C GLU A 72 -2.88 8.22 1.44
N ILE A 73 -1.61 7.84 1.58
CA ILE A 73 -0.58 8.75 2.07
C ILE A 73 0.17 9.22 0.84
N ASP A 74 0.17 10.53 0.60
CA ASP A 74 0.66 11.07 -0.66
C ASP A 74 2.18 11.22 -0.65
N THR A 75 2.82 10.07 -0.78
CA THR A 75 4.26 10.01 -0.67
C THR A 75 4.98 10.66 -1.84
N LYS A 76 4.44 10.56 -3.07
CA LYS A 76 5.12 11.18 -4.19
C LYS A 76 5.22 12.70 -4.03
N SER A 77 4.12 13.32 -3.63
CA SER A 77 4.12 14.77 -3.39
C SER A 77 5.12 15.15 -2.30
N TYR A 78 5.25 14.31 -1.28
CA TYR A 78 6.22 14.52 -0.20
C TYR A 78 7.66 14.53 -0.71
N TRP A 79 8.04 13.49 -1.44
CA TRP A 79 9.41 13.35 -1.94
C TRP A 79 9.71 14.43 -2.96
N LYS A 80 8.76 14.75 -3.83
CA LYS A 80 9.04 15.73 -4.88
C LYS A 80 9.31 17.10 -4.27
N ALA A 81 8.63 17.41 -3.18
CA ALA A 81 8.85 18.66 -2.46
C ALA A 81 10.26 18.72 -1.87
N LEU A 82 10.91 17.57 -1.74
CA LEU A 82 12.29 17.47 -1.26
C LEU A 82 13.35 17.19 -2.37
N GLY A 83 12.96 17.24 -3.64
CA GLY A 83 13.90 17.07 -4.76
C GLY A 83 14.23 15.64 -5.14
N ILE A 84 13.40 14.71 -4.68
CA ILE A 84 13.56 13.30 -4.97
C ILE A 84 12.42 12.91 -5.88
N SER A 85 12.77 12.22 -6.94
CA SER A 85 11.78 11.60 -7.82
C SER A 85 11.62 10.19 -7.31
N PRO A 86 10.50 9.93 -6.60
CA PRO A 86 10.38 8.63 -5.96
C PRO A 86 9.68 7.61 -6.85
N PHE A 87 9.57 6.37 -6.41
CA PHE A 87 8.99 5.30 -7.20
C PHE A 87 7.47 5.25 -7.12
N HIS A 88 6.92 5.26 -5.91
CA HIS A 88 5.49 5.09 -5.74
C HIS A 88 4.73 6.37 -5.91
N GLU A 89 3.48 6.22 -6.33
CA GLU A 89 2.57 7.36 -6.36
C GLU A 89 2.10 7.74 -4.95
N HIS A 90 1.81 6.75 -4.15
CA HIS A 90 1.35 6.94 -2.78
C HIS A 90 1.51 5.64 -2.06
N ALA A 91 1.24 5.64 -0.76
CA ALA A 91 1.19 4.41 0.02
C ALA A 91 -0.27 4.29 0.40
N GLU A 92 -0.85 3.10 0.22
CA GLU A 92 -2.30 2.91 0.34
C GLU A 92 -2.59 1.74 1.28
N VAL A 93 -3.28 2.04 2.37
CA VAL A 93 -3.53 1.08 3.42
C VAL A 93 -5.05 0.82 3.42
N VAL A 94 -5.48 -0.41 3.09
CA VAL A 94 -6.90 -0.77 2.94
C VAL A 94 -7.25 -1.82 3.97
N PHE A 95 -8.32 -1.59 4.73
CA PHE A 95 -8.69 -2.46 5.84
C PHE A 95 -10.15 -2.33 6.18
N THR A 96 -10.70 -3.38 6.78
CA THR A 96 -11.98 -3.31 7.40
C THR A 96 -11.84 -2.80 8.81
N ALA A 97 -12.69 -1.86 9.20
CA ALA A 97 -12.61 -1.28 10.55
C ALA A 97 -13.89 -1.51 11.30
N ASN A 98 -13.72 -1.69 12.62
CA ASN A 98 -14.81 -1.76 13.59
C ASN A 98 -15.76 -2.93 13.39
N ASP A 99 -15.32 -3.92 12.63
CA ASP A 99 -16.17 -5.09 12.33
C ASP A 99 -16.34 -6.00 13.54
N SER A 100 -15.42 -5.89 14.49
CA SER A 100 -15.49 -6.64 15.74
C SER A 100 -15.69 -5.69 16.91
N GLY A 101 -16.50 -4.65 16.70
CA GLY A 101 -16.68 -3.61 17.68
C GLY A 101 -15.68 -2.47 17.47
N PRO A 102 -15.96 -1.29 18.06
CA PRO A 102 -15.13 -0.09 17.90
C PRO A 102 -13.71 -0.24 18.48
N ARG A 103 -12.73 0.17 17.71
CA ARG A 103 -11.32 0.13 18.11
C ARG A 103 -10.65 1.47 17.83
N ARG A 104 -9.46 1.66 18.39
CA ARG A 104 -8.59 2.77 18.01
C ARG A 104 -7.50 2.26 17.07
N TYR A 105 -7.34 2.95 15.95
CA TYR A 105 -6.41 2.52 14.91
C TYR A 105 -5.34 3.56 14.71
N THR A 106 -4.07 3.15 14.77
CA THR A 106 -2.96 3.97 14.35
C THR A 106 -2.34 3.32 13.13
N ILE A 107 -2.30 4.05 12.02
CA ILE A 107 -1.63 3.61 10.82
C ILE A 107 -0.28 4.29 10.78
N ALA A 108 0.79 3.51 10.87
CA ALA A 108 2.14 4.06 10.87
C ALA A 108 2.80 3.72 9.56
N ALA A 109 3.54 4.66 8.99
CA ALA A 109 4.19 4.43 7.71
C ALA A 109 5.63 4.95 7.80
N LEU A 110 6.55 4.19 7.21
CA LEU A 110 7.95 4.57 7.13
C LEU A 110 8.32 4.65 5.67
N LEU A 111 8.81 5.81 5.26
CA LEU A 111 9.02 6.12 3.86
C LEU A 111 10.49 6.23 3.43
N SER A 112 10.78 5.63 2.28
CA SER A 112 12.03 5.84 1.55
C SER A 112 11.66 6.10 0.07
N PRO A 113 12.59 6.65 -0.74
CA PRO A 113 12.15 6.98 -2.10
C PRO A 113 11.67 5.79 -2.91
N TYR A 114 12.21 4.59 -2.73
CA TYR A 114 11.80 3.41 -3.51
C TYR A 114 11.16 2.30 -2.67
N SER A 115 10.69 2.65 -1.46
CA SER A 115 10.18 1.65 -0.53
C SER A 115 9.30 2.30 0.50
N TYR A 116 8.28 1.58 0.96
CA TYR A 116 7.59 1.99 2.17
C TYR A 116 7.14 0.78 2.93
N SER A 117 6.91 1.00 4.23
N SER A 117 6.92 1.03 4.22
CA SER A 117 6.46 -0.05 5.14
CA SER A 117 6.28 0.05 5.05
C SER A 117 5.35 0.55 6.00
C SER A 117 5.11 0.69 5.74
N THR A 118 4.25 -0.19 6.19
CA THR A 118 3.17 0.25 7.00
C THR A 118 2.77 -0.80 8.00
N THR A 119 2.35 -0.35 9.17
N THR A 119 2.43 -0.33 9.19
CA THR A 119 1.88 -1.24 10.19
CA THR A 119 1.90 -1.17 10.26
C THR A 119 0.68 -0.58 10.85
C THR A 119 0.61 -0.57 10.74
N ALA A 120 -0.20 -1.42 11.37
CA ALA A 120 -1.38 -0.95 12.08
C ALA A 120 -1.17 -1.32 13.55
N VAL A 121 -1.47 -0.40 14.45
CA VAL A 121 -1.52 -0.67 15.86
C VAL A 121 -2.96 -0.45 16.26
N VAL A 122 -3.60 -1.50 16.75
CA VAL A 122 -5.03 -1.48 17.02
C VAL A 122 -5.22 -1.77 18.50
N THR A 123 -5.90 -0.85 19.19
CA THR A 123 -6.07 -0.96 20.63
C THR A 123 -7.53 -0.74 21.07
N ASN A 124 -7.82 -1.10 22.31
CA ASN A 124 -9.12 -0.83 22.94
C ASN A 124 -9.05 0.35 23.91
N CYS B 10 10.92 -10.62 -19.35
CA CYS B 10 9.75 -9.97 -18.75
C CYS B 10 10.21 -8.78 -17.91
N PRO B 11 9.62 -7.61 -18.13
CA PRO B 11 10.08 -6.39 -17.48
C PRO B 11 9.44 -6.17 -16.12
N LEU B 12 8.56 -7.05 -15.69
CA LEU B 12 7.84 -6.89 -14.42
C LEU B 12 7.75 -8.22 -13.71
N MET B 13 8.30 -8.27 -12.49
CA MET B 13 8.27 -9.49 -11.67
C MET B 13 7.81 -9.11 -10.26
N VAL B 14 7.11 -10.02 -9.58
CA VAL B 14 6.64 -9.79 -8.23
C VAL B 14 7.15 -10.90 -7.34
N LYS B 15 7.75 -10.54 -6.20
CA LYS B 15 8.26 -11.50 -5.23
C LYS B 15 7.69 -11.20 -3.86
N VAL B 16 7.18 -12.22 -3.19
CA VAL B 16 6.47 -12.04 -1.92
C VAL B 16 7.05 -13.00 -0.88
N LEU B 17 7.35 -12.44 0.28
CA LEU B 17 7.93 -13.16 1.41
C LEU B 17 7.03 -13.08 2.62
N ASP B 18 7.10 -14.11 3.47
CA ASP B 18 6.30 -14.23 4.67
C ASP B 18 7.26 -14.06 5.86
N ALA B 19 7.05 -13.01 6.65
CA ALA B 19 7.88 -12.64 7.77
C ALA B 19 7.56 -13.39 9.04
N VAL B 20 6.44 -14.12 9.07
CA VAL B 20 6.08 -14.95 10.21
C VAL B 20 6.73 -16.30 10.11
N ARG B 21 6.63 -16.94 8.95
CA ARG B 21 7.21 -18.27 8.76
C ARG B 21 8.64 -18.24 8.25
N GLY B 22 9.11 -17.11 7.74
CA GLY B 22 10.45 -17.06 7.18
C GLY B 22 10.58 -17.86 5.90
N SER B 23 9.61 -17.62 5.01
CA SER B 23 9.50 -18.40 3.79
C SER B 23 8.99 -17.54 2.67
N PRO B 24 9.12 -18.04 1.44
CA PRO B 24 8.36 -17.43 0.34
C PRO B 24 6.89 -17.52 0.67
N ALA B 25 6.12 -16.54 0.18
CA ALA B 25 4.67 -16.56 0.32
C ALA B 25 4.13 -17.19 -0.96
N ILE B 26 3.69 -18.43 -0.83
CA ILE B 26 3.29 -19.26 -1.95
C ILE B 26 1.81 -19.20 -2.21
N ASN B 27 1.43 -19.18 -3.49
CA ASN B 27 0.01 -19.22 -3.90
C ASN B 27 -0.75 -17.98 -3.50
N VAL B 28 -0.08 -16.84 -3.54
CA VAL B 28 -0.71 -15.57 -3.28
C VAL B 28 -1.22 -15.01 -4.61
N ALA B 29 -2.46 -14.59 -4.66
CA ALA B 29 -3.00 -13.98 -5.88
C ALA B 29 -2.47 -12.57 -6.00
N VAL B 30 -2.11 -12.23 -7.23
CA VAL B 30 -1.59 -10.92 -7.56
C VAL B 30 -2.33 -10.43 -8.79
N HIS B 31 -2.87 -9.22 -8.69
CA HIS B 31 -3.56 -8.58 -9.81
C HIS B 31 -2.91 -7.28 -10.17
N VAL B 32 -2.60 -7.10 -11.44
CA VAL B 32 -2.00 -5.87 -11.93
C VAL B 32 -2.99 -5.12 -12.81
N PHE B 33 -3.06 -3.82 -12.60
CA PHE B 33 -3.94 -2.92 -13.32
C PHE B 33 -3.14 -1.81 -13.95
N ARG B 34 -3.66 -1.25 -15.02
CA ARG B 34 -3.10 -0.05 -15.63
C ARG B 34 -4.17 1.04 -15.70
N LYS B 35 -3.78 2.28 -15.42
CA LYS B 35 -4.77 3.35 -15.34
C LYS B 35 -5.17 3.77 -16.74
N ALA B 36 -6.49 3.87 -16.98
CA ALA B 36 -7.02 4.22 -18.29
C ALA B 36 -7.20 5.73 -18.39
N ALA B 37 -7.46 6.20 -19.60
CA ALA B 37 -7.61 7.65 -19.86
C ALA B 37 -8.70 8.27 -19.01
N ASP B 38 -9.77 7.51 -18.74
CA ASP B 38 -10.88 8.00 -17.93
C ASP B 38 -10.61 7.88 -16.43
N ASP B 39 -9.36 7.52 -16.09
CA ASP B 39 -8.90 7.48 -14.71
C ASP B 39 -9.39 6.25 -13.93
N THR B 40 -9.86 5.24 -14.64
CA THR B 40 -10.22 3.98 -13.98
C THR B 40 -9.09 2.98 -14.14
N TRP B 41 -9.09 1.98 -13.27
CA TRP B 41 -8.11 0.91 -13.32
C TRP B 41 -8.61 -0.23 -14.21
N GLU B 42 -7.83 -0.53 -15.23
CA GLU B 42 -8.14 -1.62 -16.15
C GLU B 42 -7.29 -2.84 -15.85
N PRO B 43 -7.89 -4.03 -15.77
CA PRO B 43 -7.06 -5.22 -15.60
C PRO B 43 -5.98 -5.33 -16.67
N PHE B 44 -4.77 -5.72 -16.24
CA PHE B 44 -3.60 -5.79 -17.09
C PHE B 44 -2.94 -7.16 -17.09
N ALA B 45 -2.75 -7.76 -15.92
CA ALA B 45 -2.16 -9.07 -15.81
C ALA B 45 -2.43 -9.59 -14.41
N SER B 46 -2.34 -10.91 -14.23
CA SER B 46 -2.54 -11.49 -12.91
C SER B 46 -1.96 -12.90 -12.85
N GLY B 47 -1.86 -13.44 -11.65
CA GLY B 47 -1.36 -14.80 -11.46
C GLY B 47 -1.29 -15.12 -9.97
N LYS B 48 -0.65 -16.23 -9.66
CA LYS B 48 -0.45 -16.64 -8.29
C LYS B 48 1.04 -16.90 -8.09
N THR B 49 1.58 -16.55 -6.92
CA THR B 49 3.00 -16.75 -6.73
C THR B 49 3.33 -18.24 -6.66
N SER B 50 4.52 -18.56 -7.12
CA SER B 50 5.02 -19.92 -7.19
C SER B 50 5.54 -20.36 -5.83
N GLU B 51 6.11 -21.57 -5.83
CA GLU B 51 6.70 -22.13 -4.62
C GLU B 51 7.90 -21.30 -4.13
N SER B 52 8.46 -20.49 -5.02
CA SER B 52 9.55 -19.59 -4.65
C SER B 52 9.04 -18.21 -4.27
N GLY B 53 7.71 -18.03 -4.21
CA GLY B 53 7.14 -16.74 -3.87
C GLY B 53 7.18 -15.74 -5.01
N GLU B 54 7.43 -16.21 -6.22
CA GLU B 54 7.60 -15.32 -7.36
C GLU B 54 6.51 -15.49 -8.40
N LEU B 55 6.29 -14.43 -9.16
CA LEU B 55 5.35 -14.46 -10.24
C LEU B 55 6.03 -13.82 -11.42
N HIS B 56 6.32 -14.67 -12.38
CA HIS B 56 7.00 -14.30 -13.60
C HIS B 56 5.99 -14.32 -14.74
N GLY B 57 6.37 -13.72 -15.85
CA GLY B 57 5.61 -13.83 -17.09
C GLY B 57 4.34 -13.01 -17.09
N LEU B 58 4.28 -11.99 -16.23
CA LEU B 58 3.08 -11.15 -16.20
C LEU B 58 2.85 -10.37 -17.48
N THR B 59 3.92 -9.92 -18.12
CA THR B 59 3.79 -9.09 -19.30
C THR B 59 5.00 -9.21 -20.21
N THR B 60 4.96 -8.51 -21.33
CA THR B 60 6.09 -8.46 -22.24
C THR B 60 6.56 -7.03 -22.35
N GLU B 61 7.77 -6.83 -22.87
CA GLU B 61 8.26 -5.49 -23.15
C GLU B 61 7.32 -4.74 -24.07
N GLU B 62 6.79 -5.41 -25.08
CA GLU B 62 5.88 -4.77 -26.03
C GLU B 62 4.66 -4.19 -25.32
N GLU B 63 4.08 -4.92 -24.36
CA GLU B 63 2.84 -4.50 -23.76
C GLU B 63 3.03 -3.55 -22.58
N PHE B 64 4.21 -3.61 -21.93
CA PHE B 64 4.48 -2.85 -20.70
C PHE B 64 4.97 -1.45 -21.03
N VAL B 65 4.05 -0.62 -21.54
CA VAL B 65 4.37 0.75 -21.93
C VAL B 65 4.31 1.69 -20.72
N GLU B 66 4.80 2.92 -20.92
CA GLU B 66 4.75 3.89 -19.84
C GLU B 66 3.30 4.09 -19.45
N GLY B 67 3.07 4.32 -18.17
CA GLY B 67 1.72 4.43 -17.66
C GLY B 67 1.77 4.33 -16.15
N ILE B 68 0.61 4.41 -15.51
CA ILE B 68 0.49 4.21 -14.10
C ILE B 68 -0.10 2.82 -13.86
N TYR B 69 0.60 2.06 -13.03
CA TYR B 69 0.25 0.68 -12.73
C TYR B 69 -0.05 0.48 -11.27
N LYS B 70 -0.90 -0.49 -10.99
CA LYS B 70 -1.21 -0.89 -9.62
C LYS B 70 -1.03 -2.38 -9.52
N VAL B 71 -0.20 -2.80 -8.57
CA VAL B 71 -0.03 -4.20 -8.25
C VAL B 71 -0.74 -4.47 -6.94
N GLU B 72 -1.73 -5.35 -6.97
N GLU B 72 -1.81 -5.24 -6.96
CA GLU B 72 -2.53 -5.71 -5.79
CA GLU B 72 -2.46 -5.67 -5.74
C GLU B 72 -2.24 -7.14 -5.35
C GLU B 72 -2.01 -7.07 -5.41
N ILE B 73 -1.70 -7.28 -4.14
CA ILE B 73 -1.26 -8.57 -3.60
C ILE B 73 -2.31 -8.98 -2.57
N ASP B 74 -2.96 -10.11 -2.78
CA ASP B 74 -4.12 -10.50 -1.96
C ASP B 74 -3.69 -11.17 -0.65
N THR B 75 -3.25 -10.30 0.24
CA THR B 75 -2.70 -10.73 1.50
C THR B 75 -3.73 -11.28 2.46
N LYS B 76 -4.92 -10.70 2.52
CA LYS B 76 -5.92 -11.21 3.46
C LYS B 76 -6.23 -12.70 3.22
N SER B 77 -6.44 -13.08 1.96
CA SER B 77 -6.73 -14.45 1.62
C SER B 77 -5.55 -15.37 1.95
N TYR B 78 -4.34 -14.83 1.85
CA TYR B 78 -3.15 -15.60 2.18
C TYR B 78 -3.14 -15.93 3.69
N TRP B 79 -3.31 -14.90 4.54
CA TRP B 79 -3.32 -15.11 5.99
C TRP B 79 -4.47 -16.00 6.43
N LYS B 80 -5.63 -15.83 5.80
CA LYS B 80 -6.79 -16.68 6.16
C LYS B 80 -6.49 -18.14 5.87
N ALA B 81 -5.82 -18.43 4.77
CA ALA B 81 -5.49 -19.81 4.41
C ALA B 81 -4.55 -20.44 5.42
N LEU B 82 -3.77 -19.61 6.10
CA LEU B 82 -2.85 -20.07 7.13
C LEU B 82 -3.47 -20.03 8.53
N GLY B 83 -4.73 -19.61 8.63
CA GLY B 83 -5.40 -19.58 9.92
C GLY B 83 -4.98 -18.44 10.82
N ILE B 84 -4.54 -17.34 10.20
CA ILE B 84 -4.09 -16.18 10.94
C ILE B 84 -4.93 -14.96 10.57
N SER B 85 -5.30 -14.18 11.59
CA SER B 85 -6.18 -13.03 11.42
C SER B 85 -5.38 -11.82 10.97
N PRO B 86 -5.68 -11.29 9.77
CA PRO B 86 -4.85 -10.18 9.28
C PRO B 86 -5.56 -8.86 9.32
N PHE B 87 -4.83 -7.80 9.09
CA PHE B 87 -5.37 -6.46 9.13
C PHE B 87 -5.77 -5.95 7.74
N HIS B 88 -4.86 -6.01 6.80
CA HIS B 88 -5.10 -5.39 5.48
C HIS B 88 -5.96 -6.27 4.60
N GLU B 89 -6.71 -5.64 3.71
CA GLU B 89 -7.49 -6.37 2.71
C GLU B 89 -6.52 -6.90 1.67
N HIS B 90 -5.56 -6.07 1.34
CA HIS B 90 -4.52 -6.43 0.40
C HIS B 90 -3.41 -5.44 0.54
N ALA B 91 -2.32 -5.64 -0.19
CA ALA B 91 -1.27 -4.65 -0.27
C ALA B 91 -1.33 -4.13 -1.70
N GLU B 92 -1.30 -2.80 -1.87
CA GLU B 92 -1.34 -2.19 -3.20
C GLU B 92 -0.07 -1.39 -3.41
N VAL B 93 0.56 -1.58 -4.57
CA VAL B 93 1.78 -0.88 -4.93
C VAL B 93 1.45 -0.15 -6.22
N VAL B 94 1.48 1.18 -6.19
CA VAL B 94 1.05 2.02 -7.31
C VAL B 94 2.24 2.87 -7.76
N PHE B 95 2.55 2.87 -9.05
CA PHE B 95 3.77 3.50 -9.55
C PHE B 95 3.63 3.85 -11.01
N THR B 96 4.43 4.81 -11.46
CA THR B 96 4.55 5.14 -12.87
C THR B 96 5.75 4.41 -13.48
N ALA B 97 5.53 3.71 -14.58
CA ALA B 97 6.61 3.09 -15.34
C ALA B 97 7.14 4.13 -16.29
N ASN B 98 8.46 4.32 -16.30
CA ASN B 98 9.12 5.38 -17.07
C ASN B 98 10.24 4.76 -17.89
N ASP B 99 10.28 5.08 -19.18
CA ASP B 99 11.26 4.46 -20.08
C ASP B 99 12.68 4.99 -19.86
C ASP B 99 12.68 4.99 -19.87
N SER B 100 12.78 6.13 -19.20
CA SER B 100 14.10 6.67 -18.85
C SER B 100 14.76 5.72 -17.85
N GLY B 101 13.98 5.26 -16.88
CA GLY B 101 14.47 4.34 -15.87
C GLY B 101 14.85 2.99 -16.44
N PRO B 102 15.61 2.19 -15.69
CA PRO B 102 16.04 0.86 -16.17
C PRO B 102 14.89 -0.06 -16.60
N ARG B 103 15.23 -1.21 -17.19
CA ARG B 103 14.27 -1.99 -17.95
C ARG B 103 13.43 -2.91 -17.10
N ARG B 104 14.00 -3.41 -15.99
CA ARG B 104 13.34 -4.48 -15.27
C ARG B 104 12.86 -3.99 -13.90
N TYR B 105 11.58 -4.21 -13.63
CA TYR B 105 10.97 -3.80 -12.37
C TYR B 105 10.67 -5.06 -11.56
N THR B 106 11.25 -5.17 -10.37
CA THR B 106 10.88 -6.20 -9.42
C THR B 106 10.16 -5.51 -8.28
N ILE B 107 8.93 -5.90 -8.04
CA ILE B 107 8.18 -5.43 -6.88
C ILE B 107 8.27 -6.50 -5.80
N ALA B 108 8.94 -6.17 -4.70
CA ALA B 108 9.10 -7.11 -3.60
C ALA B 108 8.25 -6.69 -2.41
N ALA B 109 7.62 -7.66 -1.78
CA ALA B 109 6.76 -7.37 -0.62
C ALA B 109 7.05 -8.36 0.49
N LEU B 110 7.14 -7.86 1.72
CA LEU B 110 7.39 -8.65 2.90
C LEU B 110 6.14 -8.54 3.76
N LEU B 111 5.52 -9.66 4.05
CA LEU B 111 4.20 -9.67 4.69
C LEU B 111 4.22 -10.13 6.14
N SER B 112 3.53 -9.39 6.99
CA SER B 112 3.18 -9.82 8.35
C SER B 112 1.67 -9.59 8.52
N PRO B 113 1.03 -10.19 9.54
CA PRO B 113 -0.43 -10.04 9.60
C PRO B 113 -0.89 -8.61 9.73
N TYR B 114 -0.21 -7.76 10.45
CA TYR B 114 -0.60 -6.36 10.64
C TYR B 114 0.35 -5.35 10.02
N SER B 115 1.21 -5.79 9.11
CA SER B 115 2.21 -4.91 8.51
C SER B 115 2.65 -5.44 7.17
N TYR B 116 2.98 -4.56 6.22
CA TYR B 116 3.71 -5.01 5.08
C TYR B 116 4.70 -3.93 4.67
N SER B 117 5.75 -4.36 3.98
N SER B 117 5.76 -4.39 4.01
CA SER B 117 6.77 -3.44 3.47
CA SER B 117 6.76 -3.53 3.44
C SER B 117 7.14 -3.83 2.06
C SER B 117 6.81 -3.86 1.96
N THR B 118 7.14 -2.85 1.16
CA THR B 118 7.40 -3.11 -0.22
C THR B 118 8.52 -2.25 -0.72
N THR B 119 9.34 -2.81 -1.61
N THR B 119 9.17 -2.79 -1.74
CA THR B 119 10.36 -2.01 -2.27
CA THR B 119 10.34 -2.17 -2.33
C THR B 119 10.32 -2.35 -3.75
C THR B 119 10.43 -2.45 -3.81
N ALA B 120 10.86 -1.46 -4.56
CA ALA B 120 11.06 -1.64 -5.98
C ALA B 120 12.54 -1.80 -6.24
N VAL B 121 12.89 -2.82 -7.03
CA VAL B 121 14.26 -3.03 -7.46
C VAL B 121 14.21 -2.87 -8.97
N VAL B 122 14.80 -1.78 -9.45
CA VAL B 122 14.70 -1.42 -10.85
C VAL B 122 16.09 -1.49 -11.44
N THR B 123 16.30 -2.44 -12.36
CA THR B 123 17.62 -2.76 -12.88
C THR B 123 17.66 -2.89 -14.41
N ASN B 124 18.87 -2.94 -14.95
CA ASN B 124 19.12 -3.21 -16.37
C ASN B 124 19.68 -4.61 -16.58
S SO4 C . -6.03 5.18 -6.74
O1 SO4 C . -4.71 5.78 -7.25
O2 SO4 C . -6.65 6.14 -5.73
O3 SO4 C . -6.99 5.00 -7.91
O4 SO4 C . -5.74 3.82 -6.08
S DMS D . 2.63 21.94 13.78
O DMS D . 2.61 21.30 12.39
C1 DMS D . 3.21 20.57 15.04
C2 DMS D . 0.79 22.01 14.37
S SO4 E . -9.57 -1.46 -4.36
O1 SO4 E . -8.52 -0.38 -4.09
O2 SO4 E . -10.02 -2.10 -3.05
O3 SO4 E . -9.00 -2.55 -5.27
O4 SO4 E . -10.77 -0.82 -5.06
S DMS F . -1.41 -20.44 0.93
O DMS F . 0.11 -20.67 0.96
C1 DMS F . -2.18 -21.70 -0.35
C2 DMS F . -1.75 -18.89 -0.18
S DMS G . 9.30 0.62 -18.26
O DMS G . 8.37 1.57 -19.04
C1 DMS G . 11.13 1.29 -18.43
C2 DMS G . 9.55 -0.97 -19.37
CAA 3RL H . 14.43 -9.76 -5.82
OAM 3RL H . 14.02 -9.08 -4.62
CAR 3RL H . 14.29 -9.74 -3.44
CAJ 3RL H . 13.93 -9.13 -2.24
CAL 3RL H . 14.92 -10.97 -3.41
CAS 3RL H . 15.18 -11.59 -2.17
OAN 3RL H . 15.79 -12.81 -2.09
CAB 3RL H . 16.16 -13.41 -3.34
CAK 3RL H . 14.83 -10.95 -0.99
CAQ 3RL H . 14.24 -9.70 -1.02
CAE 3RL H . 13.86 -9.10 0.19
CAD 3RL H . 12.96 -7.87 0.20
CAP 3RL H . 12.56 -7.23 1.36
CAH 3RL H . 13.18 -7.44 2.60
CAF 3RL H . 12.76 -6.71 3.72
CAO 3RL H . 11.77 -5.74 3.59
OAC 3RL H . 11.36 -5.01 4.67
CAG 3RL H . 11.20 -5.49 2.35
CAI 3RL H . 11.63 -6.21 1.23
HAC 3RL H . 14.16 -9.15 -6.68
HAB 3RL H . 15.51 -9.90 -5.79
HAA 3RL H . 13.92 -10.72 -5.88
HAM 3RL H . 13.47 -8.14 -2.27
HAO 3RL H . 15.20 -11.48 -4.32
HAD 3RL H . 16.85 -12.77 -3.87
HAE 3RL H . 15.26 -13.57 -3.94
HAF 3RL H . 16.64 -14.37 -3.15
HAN 3RL H . 15.04 -11.42 -0.03
HAH 3RL H . 14.22 -9.53 1.14
HAG 3RL H . 12.63 -7.47 -0.75
HAK 3RL H . 13.94 -8.21 2.70
HAI 3RL H . 13.20 -6.91 4.69
HAP 3RL H . 10.65 -4.37 4.39
HAJ 3RL H . 10.43 -4.73 2.23
HAL 3RL H . 11.16 -6.03 0.27
#